data_3DHK
#
_entry.id   3DHK
#
_cell.length_a   69.95
_cell.length_b   71.34
_cell.length_c   72.44
_cell.angle_alpha   90.00
_cell.angle_beta   100.32
_cell.angle_gamma   90.00
#
_symmetry.space_group_name_H-M   'C 1 2 1'
#
loop_
_entity.id
_entity.type
_entity.pdbx_description
1 polymer 'Thrombin light chain'
2 polymer 'Thrombin heavy chain'
3 polymer 'Hirudin variant-1'
4 non-polymer beta-phenyl-D-phenylalanyl-N-(3-chlorobenzyl)-L-prolinamide
5 non-polymer 'SODIUM ION'
6 water water
#
loop_
_entity_poly.entity_id
_entity_poly.type
_entity_poly.pdbx_seq_one_letter_code
_entity_poly.pdbx_strand_id
1 'polypeptide(L)' TFGSGEADCGLRPLFEKKSLEDKTERELLESYIDGR L
2 'polypeptide(L)'
;IVEGSDAEIGMSPWQVMLFRKSPQELLCGASLISDRWVLTAAHCLLYPPWDKNFTENDLLVRIGKHSRTRYERNIEKISM
LEKIYIHPRYNWRENLDRDIALMKLKKPVAFSDYIHPVCLPDRETAASLLQAGYKGRVTGWGNLKETWTANVGKGQPSVL
QVVNLPIVERPVCKDSTRIRITDNMFCAGYKPDEGKRGDACEGDSGGPFVMKSPFNNRWYQMGIVSWGEGCDRDGKYGFY
THVFRLKKWIQKVIDQFGE
;
H
3 'polypeptide(L)' GDFEEIPEE(TYS)L I
#
# COMPACT_ATOMS: atom_id res chain seq x y z
N ALA A 7 14.73 -1.43 -13.11
CA ALA A 7 15.19 -2.51 -13.97
C ALA A 7 14.52 -3.83 -13.63
N ASP A 8 14.54 -4.23 -12.36
CA ASP A 8 13.90 -5.49 -11.98
C ASP A 8 12.72 -5.28 -11.05
N CYS A 9 12.19 -4.06 -11.00
CA CYS A 9 11.07 -3.80 -10.11
C CYS A 9 9.91 -4.75 -10.41
N GLY A 10 9.04 -5.10 -9.48
CA GLY A 10 7.81 -5.79 -9.81
C GLY A 10 7.93 -7.26 -10.13
N LEU A 11 9.12 -7.83 -10.08
CA LEU A 11 9.35 -9.25 -10.36
C LEU A 11 9.75 -9.93 -9.05
N ARG A 12 8.88 -10.72 -8.47
CA ARG A 12 9.12 -11.24 -7.12
C ARG A 12 10.09 -12.42 -7.17
N PRO A 13 11.13 -12.38 -6.35
CA PRO A 13 12.09 -13.50 -6.34
C PRO A 13 11.43 -14.85 -6.21
N LEU A 14 10.36 -14.95 -5.42
CA LEU A 14 9.79 -16.26 -5.09
C LEU A 14 8.64 -16.63 -6.01
N PHE A 15 8.28 -15.75 -6.96
CA PHE A 15 7.21 -16.06 -7.92
C PHE A 15 7.66 -15.79 -9.35
N GLU A 16 7.53 -14.57 -9.88
CA GLU A 16 7.94 -14.27 -11.25
C GLU A 16 9.36 -14.75 -11.54
N LYS A 17 10.33 -14.54 -10.66
CA LYS A 17 11.70 -14.97 -10.96
C LYS A 17 11.85 -16.48 -11.08
N LYS A 18 10.93 -17.27 -10.57
CA LYS A 18 10.91 -18.72 -10.58
C LYS A 18 9.83 -19.29 -11.49
N SER A 19 9.09 -18.42 -12.16
CA SER A 19 7.95 -18.87 -12.96
CA SER A 19 7.91 -18.79 -12.94
C SER A 19 6.92 -19.57 -12.07
N LEU A 20 6.79 -19.13 -10.81
CA LEU A 20 5.75 -19.68 -9.95
C LEU A 20 4.62 -18.65 -9.83
N GLU A 21 3.37 -19.07 -9.84
CA GLU A 21 2.26 -18.13 -9.70
C GLU A 21 1.73 -18.18 -8.27
N ASP A 22 1.30 -17.02 -7.73
CA ASP A 22 0.68 -17.12 -6.41
C ASP A 22 -0.75 -17.59 -6.57
N LYS A 23 -1.37 -17.98 -5.45
CA LYS A 23 -2.70 -18.57 -5.45
C LYS A 23 -3.77 -17.70 -6.05
N THR A 24 -3.64 -16.36 -6.13
CA THR A 24 -4.84 -15.68 -6.64
C THR A 24 -4.49 -14.66 -7.71
N GLU A 25 -3.25 -14.66 -8.20
CA GLU A 25 -2.99 -13.61 -9.22
C GLU A 25 -3.82 -13.85 -10.46
N ARG A 26 -4.28 -15.09 -10.68
CA ARG A 26 -5.06 -15.27 -11.91
C ARG A 26 -6.39 -14.54 -11.87
N GLU A 27 -6.96 -14.38 -10.68
CA GLU A 27 -8.15 -13.56 -10.49
C GLU A 27 -7.94 -12.16 -11.08
N LEU A 28 -6.73 -11.61 -10.89
CA LEU A 28 -6.45 -10.30 -11.46
C LEU A 28 -6.38 -10.32 -12.99
N LEU A 29 -5.60 -11.23 -13.53
CA LEU A 29 -5.51 -11.42 -14.97
C LEU A 29 -6.89 -11.55 -15.61
N GLU A 30 -7.68 -12.45 -15.06
CA GLU A 30 -9.00 -12.69 -15.68
C GLU A 30 -9.89 -11.47 -15.68
N SER A 31 -9.61 -10.48 -14.83
CA SER A 31 -10.42 -9.28 -14.80
C SER A 31 -9.95 -8.26 -15.82
N TYR A 32 -8.78 -8.45 -16.42
CA TYR A 32 -8.21 -7.50 -17.39
C TYR A 32 -8.74 -7.82 -18.77
N ILE A 33 -9.95 -7.38 -19.05
CA ILE A 33 -10.79 -7.93 -20.12
C ILE A 33 -10.88 -7.10 -21.38
N ILE B 1 -6.94 -5.53 7.03
CA ILE B 1 -7.69 -5.96 5.85
C ILE B 1 -8.92 -6.75 6.22
N VAL B 2 -10.09 -6.41 5.68
CA VAL B 2 -11.30 -7.17 5.97
C VAL B 2 -11.63 -8.19 4.89
N GLU B 3 -11.87 -9.44 5.32
CA GLU B 3 -12.31 -10.48 4.42
C GLU B 3 -11.21 -10.83 3.41
N GLY B 4 -9.97 -10.68 3.83
CA GLY B 4 -8.82 -11.05 3.03
C GLY B 4 -8.34 -12.43 3.43
N SER B 5 -7.12 -12.77 3.05
CA SER B 5 -6.60 -14.05 3.52
C SER B 5 -5.14 -13.91 3.85
N ASP B 6 -4.52 -14.92 4.49
CA ASP B 6 -3.10 -14.76 4.79
C ASP B 6 -2.26 -14.68 3.52
N ALA B 7 -1.30 -13.76 3.51
CA ALA B 7 -0.39 -13.70 2.36
C ALA B 7 0.45 -14.95 2.27
N GLU B 8 0.89 -15.28 1.06
CA GLU B 8 1.90 -16.35 0.90
C GLU B 8 3.25 -15.77 1.23
N ILE B 9 4.24 -16.58 1.58
CA ILE B 9 5.59 -16.07 1.79
C ILE B 9 6.16 -15.44 0.53
N GLY B 10 6.69 -14.21 0.65
CA GLY B 10 7.26 -13.61 -0.55
C GLY B 10 6.25 -13.07 -1.52
N MET B 11 4.96 -13.11 -1.20
CA MET B 11 3.92 -12.65 -2.12
C MET B 11 3.88 -11.14 -2.35
N SER B 12 4.34 -10.37 -1.37
CA SER B 12 4.34 -8.90 -1.45
C SER B 12 5.62 -8.32 -0.93
N PRO B 13 6.73 -8.54 -1.62
CA PRO B 13 8.04 -8.28 -1.05
C PRO B 13 8.41 -6.80 -1.01
N TRP B 14 7.57 -5.93 -1.58
CA TRP B 14 7.66 -4.50 -1.45
C TRP B 14 6.91 -4.00 -0.22
N GLN B 15 6.20 -4.85 0.49
CA GLN B 15 5.43 -4.45 1.66
C GLN B 15 6.30 -3.82 2.74
N VAL B 16 5.90 -2.67 3.27
CA VAL B 16 6.73 -2.05 4.32
C VAL B 16 5.82 -1.80 5.52
N MET B 17 6.32 -2.00 6.72
CA MET B 17 5.60 -1.64 7.94
C MET B 17 6.18 -0.37 8.54
N LEU B 18 5.36 0.66 8.74
CA LEU B 18 5.73 1.86 9.50
C LEU B 18 5.49 1.56 10.98
N PHE B 19 6.56 1.62 11.75
CA PHE B 19 6.58 1.21 13.13
C PHE B 19 6.97 2.35 14.07
N ARG B 20 6.13 2.56 15.06
CA ARG B 20 6.39 3.60 16.08
C ARG B 20 7.43 3.11 17.08
N LYS B 21 8.44 3.91 17.37
CA LYS B 21 9.55 3.51 18.22
C LYS B 21 9.13 3.40 19.70
N SER B 22 8.30 4.34 20.13
CA SER B 22 7.88 4.39 21.53
C SER B 22 6.52 5.06 21.66
N PRO B 23 5.47 4.33 22.01
CA PRO B 23 5.50 2.90 22.27
C PRO B 23 5.61 2.09 20.97
N GLN B 24 6.10 0.87 21.10
CA GLN B 24 6.36 0.06 19.91
C GLN B 24 5.02 -0.47 19.41
N GLU B 25 4.65 0.01 18.22
CA GLU B 25 3.36 -0.32 17.67
C GLU B 25 3.34 -0.08 16.16
N LEU B 26 2.42 -0.77 15.50
CA LEU B 26 2.22 -0.48 14.08
C LEU B 26 1.66 0.92 13.92
N LEU B 27 2.12 1.61 12.88
CA LEU B 27 1.51 2.92 12.58
C LEU B 27 0.77 2.85 11.26
N CYS B 28 1.42 2.19 10.29
CA CYS B 28 0.84 2.20 8.94
C CYS B 28 1.54 1.18 8.05
N GLY B 29 0.93 0.98 6.88
CA GLY B 29 1.61 0.26 5.80
C GLY B 29 2.35 1.25 4.93
N ALA B 30 3.10 0.73 3.98
CA ALA B 30 3.95 1.53 3.10
C ALA B 30 4.55 0.60 2.05
N SER B 31 5.32 1.10 1.09
CA SER B 31 5.86 0.23 0.05
C SER B 31 7.29 0.61 -0.34
N LEU B 32 8.05 -0.39 -0.76
CA LEU B 32 9.43 -0.19 -1.20
C LEU B 32 9.50 0.09 -2.70
N ILE B 33 9.98 1.28 -3.07
CA ILE B 33 9.99 1.59 -4.49
C ILE B 33 11.42 1.64 -5.03
N SER B 34 12.39 1.51 -4.14
CA SER B 34 13.78 1.40 -4.58
C SER B 34 14.62 1.00 -3.37
N ASP B 35 15.95 0.96 -3.51
CA ASP B 35 16.67 0.50 -2.30
C ASP B 35 16.67 1.57 -1.24
N ARG B 36 16.32 2.83 -1.53
CA ARG B 36 16.26 3.75 -0.38
C ARG B 36 14.99 4.57 -0.29
N TRP B 37 13.96 4.30 -1.09
CA TRP B 37 12.77 5.16 -1.01
C TRP B 37 11.54 4.32 -0.68
N VAL B 38 10.76 4.80 0.28
CA VAL B 38 9.55 4.11 0.74
C VAL B 38 8.39 5.06 0.45
N LEU B 39 7.29 4.52 -0.05
CA LEU B 39 6.11 5.31 -0.41
C LEU B 39 5.02 5.07 0.61
N THR B 40 4.31 6.11 1.06
CA THR B 40 3.21 5.85 1.98
C THR B 40 2.12 6.93 1.84
N ALA B 41 1.13 6.93 2.71
CA ALA B 41 0.08 7.92 2.73
C ALA B 41 0.55 9.09 3.61
N ALA B 42 0.27 10.30 3.13
CA ALA B 42 0.65 11.48 3.94
C ALA B 42 0.03 11.41 5.32
N HIS B 43 -1.22 10.94 5.38
CA HIS B 43 -1.95 10.94 6.63
C HIS B 43 -1.32 10.00 7.66
N CYS B 44 -0.41 9.13 7.21
CA CYS B 44 0.31 8.26 8.12
C CYS B 44 1.30 9.07 8.94
N LEU B 45 1.62 10.25 8.43
CA LEU B 45 2.67 11.02 9.07
C LEU B 45 2.13 12.33 9.63
N LEU B 46 1.09 12.84 8.96
CA LEU B 46 0.56 14.16 9.30
C LEU B 46 -0.95 14.16 9.26
N TYR B 47 -1.59 14.23 10.41
CA TYR B 47 -3.04 14.33 10.45
C TYR B 47 -3.44 15.11 11.71
N PRO B 48 -3.41 16.44 11.59
CA PRO B 48 -3.68 17.31 12.75
C PRO B 48 -5.02 17.06 13.42
N PRO B 49 -6.14 16.73 12.80
CA PRO B 49 -7.33 16.42 13.59
C PRO B 49 -7.12 15.29 14.59
N TRP B 50 -6.12 14.45 14.40
CA TRP B 50 -5.84 13.39 15.37
C TRP B 50 -4.56 13.67 16.14
N ASP B 51 -4.12 14.92 16.04
CA ASP B 51 -2.88 15.26 16.73
C ASP B 51 -1.75 14.37 16.21
N LYS B 52 -1.76 13.99 14.93
CA LYS B 52 -0.62 13.23 14.41
C LYS B 52 0.27 14.08 13.52
N ASN B 53 1.54 14.17 13.86
CA ASN B 53 2.61 14.83 13.15
C ASN B 53 3.93 14.15 13.50
N PHE B 54 4.33 13.14 12.75
CA PHE B 54 5.55 12.41 13.08
C PHE B 54 6.78 13.01 12.43
N THR B 55 7.91 12.89 13.12
CA THR B 55 9.16 13.29 12.49
C THR B 55 10.00 12.02 12.30
N GLU B 56 11.05 12.15 11.51
CA GLU B 56 11.91 11.03 11.14
C GLU B 56 12.24 10.19 12.36
N ASN B 57 12.71 10.90 13.39
CA ASN B 57 13.28 10.17 14.52
C ASN B 57 12.21 9.46 15.33
N ASP B 58 10.93 9.64 14.99
CA ASP B 58 9.90 8.94 15.73
C ASP B 58 9.69 7.54 15.20
N LEU B 59 10.26 7.30 14.01
CA LEU B 59 9.84 6.14 13.26
C LEU B 59 10.97 5.21 12.81
N LEU B 60 10.55 3.97 12.61
CA LEU B 60 11.30 2.94 11.91
C LEU B 60 10.52 2.37 10.73
N VAL B 61 11.23 1.91 9.72
CA VAL B 61 10.69 1.14 8.59
C VAL B 61 11.06 -0.34 8.73
N ARG B 62 10.12 -1.27 8.72
CA ARG B 62 10.42 -2.70 8.79
C ARG B 62 10.03 -3.39 7.48
N ILE B 63 10.97 -4.04 6.81
CA ILE B 63 10.82 -4.50 5.44
C ILE B 63 11.08 -5.99 5.37
N GLY B 64 10.41 -6.72 4.49
CA GLY B 64 10.55 -8.16 4.46
C GLY B 64 9.63 -8.83 5.44
N LYS B 65 8.65 -8.12 6.07
CA LYS B 65 7.88 -8.83 7.08
C LYS B 65 6.71 -9.67 6.54
N HIS B 66 6.35 -10.62 7.38
CA HIS B 66 5.20 -11.50 7.29
C HIS B 66 4.36 -11.47 8.57
N SER B 67 4.91 -11.99 9.66
CA SER B 67 4.24 -11.86 10.96
C SER B 67 4.04 -10.39 11.32
N ARG B 68 2.90 -10.04 11.87
CA ARG B 68 2.65 -8.67 12.36
C ARG B 68 3.56 -8.31 13.54
N THR B 69 3.56 -9.15 14.57
CA THR B 69 4.18 -8.79 15.84
C THR B 69 5.58 -9.34 16.09
N ARG B 70 5.86 -10.50 15.47
CA ARG B 70 7.13 -11.16 15.70
C ARG B 70 8.32 -10.39 15.18
N TYR B 71 9.47 -10.50 15.88
CA TYR B 71 10.67 -9.94 15.26
C TYR B 71 11.26 -11.02 14.34
N GLU B 72 11.40 -10.72 13.05
CA GLU B 72 11.64 -11.80 12.09
C GLU B 72 13.09 -11.86 11.70
N ARG B 73 13.80 -12.45 12.68
CA ARG B 73 15.24 -12.58 12.68
C ARG B 73 15.78 -13.19 11.38
N ASN B 74 16.77 -12.58 10.78
CA ASN B 74 17.40 -13.10 9.56
C ASN B 74 16.50 -12.89 8.35
N ILE B 75 15.37 -12.21 8.50
CA ILE B 75 14.52 -12.04 7.32
C ILE B 75 14.12 -10.58 7.15
N GLU B 76 13.41 -10.08 8.16
CA GLU B 76 13.08 -8.64 8.11
C GLU B 76 14.36 -7.83 8.25
N LYS B 77 14.29 -6.61 7.73
CA LYS B 77 15.32 -5.62 7.88
C LYS B 77 14.66 -4.33 8.41
N ILE B 78 15.33 -3.66 9.34
CA ILE B 78 14.73 -2.45 9.94
C ILE B 78 15.52 -1.23 9.60
N SER B 79 14.87 -0.18 9.10
CA SER B 79 15.72 0.93 8.67
C SER B 79 15.28 2.22 9.36
N MET B 80 16.21 3.17 9.48
CA MET B 80 15.86 4.46 10.07
C MET B 80 15.58 5.46 8.96
N LEU B 81 14.90 6.56 9.30
CA LEU B 81 14.60 7.55 8.26
C LEU B 81 15.55 8.74 8.29
N GLU B 82 16.03 9.03 7.09
CA GLU B 82 16.82 10.20 6.79
C GLU B 82 15.91 11.40 6.58
N LYS B 83 14.84 11.22 5.80
CA LYS B 83 13.99 12.37 5.54
C LYS B 83 12.59 11.97 5.08
N ILE B 84 11.60 12.69 5.58
CA ILE B 84 10.22 12.57 5.15
C ILE B 84 9.87 13.69 4.19
N TYR B 85 9.16 13.39 3.12
CA TYR B 85 8.70 14.39 2.17
C TYR B 85 7.18 14.27 2.00
N ILE B 86 6.42 15.29 2.35
CA ILE B 86 4.96 15.20 2.18
C ILE B 86 4.50 16.08 1.03
N HIS B 87 3.50 15.64 0.26
CA HIS B 87 3.02 16.47 -0.84
C HIS B 87 2.64 17.87 -0.36
N PRO B 88 3.19 18.91 -0.99
CA PRO B 88 2.97 20.30 -0.58
C PRO B 88 1.49 20.68 -0.66
N ARG B 89 0.67 19.95 -1.39
CA ARG B 89 -0.74 20.29 -1.57
C ARG B 89 -1.61 19.20 -0.99
N TYR B 90 -1.02 18.30 -0.18
CA TYR B 90 -1.82 17.37 0.63
C TYR B 90 -2.90 18.07 1.43
N ASN B 91 -4.15 17.68 1.23
CA ASN B 91 -5.30 18.31 1.89
C ASN B 91 -5.85 17.48 3.04
N TRP B 92 -5.25 17.64 4.23
CA TRP B 92 -5.72 16.97 5.44
C TRP B 92 -6.96 17.63 6.02
N ARG B 93 -7.26 18.84 5.57
CA ARG B 93 -8.35 19.62 6.14
C ARG B 93 -9.72 19.12 5.69
N GLU B 94 -9.76 18.68 4.43
CA GLU B 94 -11.04 18.35 3.86
C GLU B 94 -11.21 16.88 3.47
N ASN B 95 -10.46 16.43 2.48
CA ASN B 95 -10.74 15.12 1.88
C ASN B 95 -9.51 14.26 1.67
N LEU B 96 -8.34 14.60 2.19
CA LEU B 96 -7.16 13.75 1.97
C LEU B 96 -6.73 13.76 0.51
N ASP B 97 -7.09 14.81 -0.24
CA ASP B 97 -6.58 14.96 -1.61
C ASP B 97 -5.05 14.91 -1.61
N ARG B 98 -4.40 14.20 -2.51
CA ARG B 98 -2.96 14.11 -2.67
C ARG B 98 -2.35 13.50 -1.41
N ASP B 99 -2.98 12.39 -1.01
CA ASP B 99 -2.59 11.69 0.21
C ASP B 99 -1.36 10.83 -0.06
N ILE B 100 -0.20 11.49 -0.10
CA ILE B 100 0.99 10.74 -0.50
C ILE B 100 2.21 11.33 0.19
N ALA B 101 3.19 10.47 0.51
CA ALA B 101 4.39 10.92 1.18
C ALA B 101 5.54 10.00 0.76
N LEU B 102 6.76 10.51 0.69
CA LEU B 102 7.95 9.68 0.51
C LEU B 102 8.86 9.70 1.74
N MET B 103 9.55 8.60 1.97
CA MET B 103 10.51 8.49 3.07
C MET B 103 11.85 8.03 2.49
N LYS B 104 12.90 8.82 2.70
CA LYS B 104 14.23 8.42 2.27
C LYS B 104 14.91 7.69 3.43
N LEU B 105 15.53 6.53 3.18
CA LEU B 105 16.16 5.74 4.23
C LEU B 105 17.60 6.20 4.45
N LYS B 106 18.05 6.11 5.71
CA LYS B 106 19.43 6.49 5.99
C LYS B 106 20.44 5.67 5.18
N LYS B 107 20.21 4.37 5.11
CA LYS B 107 21.08 3.42 4.45
C LYS B 107 20.34 2.57 3.44
N PRO B 108 20.96 2.11 2.36
CA PRO B 108 20.21 1.29 1.38
C PRO B 108 19.82 -0.03 2.02
N VAL B 109 18.69 -0.61 1.64
CA VAL B 109 18.29 -1.90 2.19
C VAL B 109 18.71 -2.96 1.18
N ALA B 110 19.15 -4.10 1.70
CA ALA B 110 19.55 -5.18 0.82
C ALA B 110 18.32 -5.95 0.31
N PHE B 111 18.25 -6.10 -1.00
CA PHE B 111 17.16 -6.89 -1.57
C PHE B 111 17.43 -8.35 -1.25
N SER B 112 16.36 -9.13 -1.22
CA SER B 112 16.43 -10.53 -0.85
C SER B 112 15.19 -11.25 -1.36
N ASP B 113 15.00 -12.51 -1.00
CA ASP B 113 13.81 -13.21 -1.43
C ASP B 113 12.54 -12.57 -0.88
N TYR B 114 12.65 -11.85 0.22
CA TYR B 114 11.51 -11.30 0.91
C TYR B 114 11.42 -9.79 0.78
N ILE B 115 12.43 -9.24 0.14
CA ILE B 115 12.53 -7.78 0.00
C ILE B 115 12.88 -7.36 -1.40
N HIS B 116 11.95 -6.64 -2.04
CA HIS B 116 12.11 -6.29 -3.44
C HIS B 116 11.17 -5.14 -3.82
N PRO B 117 11.59 -4.21 -4.65
CA PRO B 117 10.77 -3.03 -4.93
C PRO B 117 9.68 -3.31 -5.95
N VAL B 118 8.57 -2.59 -5.78
CA VAL B 118 7.46 -2.67 -6.73
C VAL B 118 7.68 -1.61 -7.79
N CYS B 119 7.08 -1.75 -8.98
CA CYS B 119 7.20 -0.69 -9.97
C CYS B 119 6.14 0.41 -9.78
N LEU B 120 6.49 1.59 -10.31
CA LEU B 120 5.50 2.66 -10.35
C LEU B 120 5.10 2.83 -11.81
N PRO B 121 3.82 3.09 -12.01
CA PRO B 121 3.24 3.09 -13.34
C PRO B 121 3.69 4.26 -14.22
N ASP B 122 3.85 3.99 -15.50
CA ASP B 122 4.02 5.04 -16.50
C ASP B 122 2.65 5.37 -17.04
N ARG B 123 2.47 6.44 -17.81
CA ARG B 123 1.15 6.78 -18.29
C ARG B 123 0.43 5.66 -19.02
N GLU B 124 1.16 4.81 -19.74
CA GLU B 124 0.41 3.87 -20.60
C GLU B 124 -0.09 2.70 -19.77
N THR B 125 0.71 2.32 -18.76
CA THR B 125 0.26 1.27 -17.85
C THR B 125 -0.96 1.74 -17.07
N ALA B 126 -0.91 2.99 -16.60
CA ALA B 126 -2.06 3.58 -15.91
C ALA B 126 -3.30 3.60 -16.77
N ALA B 127 -3.11 4.03 -18.03
CA ALA B 127 -4.32 4.14 -18.84
C ALA B 127 -4.88 2.76 -19.12
N SER B 128 -3.99 1.76 -19.26
CA SER B 128 -4.51 0.43 -19.59
C SER B 128 -5.16 -0.26 -18.41
N LEU B 129 -4.61 -0.10 -17.21
CA LEU B 129 -5.07 -0.88 -16.07
C LEU B 129 -6.11 -0.20 -15.21
N LEU B 130 -6.14 1.13 -15.15
CA LEU B 130 -7.12 1.74 -14.24
C LEU B 130 -8.48 1.88 -14.92
N GLN B 131 -9.15 0.75 -15.02
CA GLN B 131 -10.48 0.65 -15.63
C GLN B 131 -11.45 0.01 -14.66
N ALA B 132 -12.68 0.50 -14.61
CA ALA B 132 -13.67 -0.11 -13.72
C ALA B 132 -13.77 -1.60 -13.98
N GLY B 133 -13.83 -2.43 -12.95
CA GLY B 133 -13.89 -3.86 -13.17
C GLY B 133 -12.53 -4.52 -13.12
N TYR B 134 -11.46 -3.81 -13.50
CA TYR B 134 -10.12 -4.40 -13.31
C TYR B 134 -9.78 -4.54 -11.84
N LYS B 135 -9.25 -5.69 -11.44
CA LYS B 135 -8.94 -5.87 -10.03
C LYS B 135 -7.49 -5.54 -9.69
N GLY B 136 -7.28 -4.96 -8.50
CA GLY B 136 -5.99 -4.82 -7.91
C GLY B 136 -5.95 -5.60 -6.60
N ARG B 137 -4.82 -5.50 -5.92
CA ARG B 137 -4.54 -6.26 -4.71
C ARG B 137 -4.13 -5.34 -3.59
N VAL B 138 -4.75 -5.46 -2.41
CA VAL B 138 -4.15 -4.57 -1.37
C VAL B 138 -3.81 -5.45 -0.18
N THR B 139 -2.72 -5.02 0.48
CA THR B 139 -2.10 -5.85 1.49
C THR B 139 -1.92 -5.09 2.79
N GLY B 140 -1.99 -5.74 3.95
CA GLY B 140 -1.71 -4.89 5.12
C GLY B 140 -1.81 -5.66 6.43
N TRP B 141 -1.38 -5.04 7.54
CA TRP B 141 -1.56 -5.68 8.83
C TRP B 141 -2.63 -5.04 9.68
N GLY B 142 -3.53 -4.30 9.07
CA GLY B 142 -4.54 -3.59 9.85
C GLY B 142 -5.70 -4.48 10.26
N ASN B 143 -6.70 -3.83 10.85
CA ASN B 143 -7.78 -4.58 11.45
C ASN B 143 -8.49 -5.51 10.49
N LEU B 144 -8.93 -6.64 11.03
CA LEU B 144 -9.66 -7.67 10.33
C LEU B 144 -11.14 -7.35 10.20
N LYS B 145 -11.54 -6.32 10.93
CA LYS B 145 -12.94 -5.89 10.93
C LYS B 145 -13.05 -4.49 11.52
N GLU B 146 -14.19 -3.88 11.24
CA GLU B 146 -14.46 -2.54 11.72
C GLU B 146 -14.69 -2.51 13.22
N GLY B 155 -10.01 -9.05 15.38
CA GLY B 155 -9.14 -8.01 15.88
C GLY B 155 -7.99 -7.67 14.95
N GLN B 156 -6.78 -8.09 15.30
CA GLN B 156 -5.61 -7.88 14.47
C GLN B 156 -5.07 -9.20 13.91
N PRO B 157 -4.48 -9.23 12.72
CA PRO B 157 -4.02 -10.51 12.16
C PRO B 157 -2.66 -10.92 12.67
N SER B 158 -2.42 -12.23 12.63
CA SER B 158 -1.11 -12.76 12.99
C SER B 158 -0.10 -12.52 11.88
N VAL B 159 -0.59 -12.52 10.62
CA VAL B 159 0.33 -12.26 9.52
C VAL B 159 -0.30 -11.35 8.47
N LEU B 160 0.56 -10.86 7.58
CA LEU B 160 0.14 -10.02 6.46
C LEU B 160 -1.10 -10.57 5.78
N GLN B 161 -2.08 -9.70 5.58
CA GLN B 161 -3.28 -10.11 4.86
C GLN B 161 -3.33 -9.60 3.42
N VAL B 162 -4.04 -10.28 2.55
CA VAL B 162 -4.17 -9.84 1.16
CA VAL B 162 -4.17 -9.90 1.14
C VAL B 162 -5.64 -9.92 0.73
N VAL B 163 -6.06 -9.02 -0.15
CA VAL B 163 -7.41 -9.05 -0.72
C VAL B 163 -7.38 -8.44 -2.11
N ASN B 164 -8.08 -9.05 -3.06
CA ASN B 164 -8.15 -8.52 -4.42
C ASN B 164 -9.51 -7.85 -4.62
N LEU B 165 -9.50 -6.64 -5.14
CA LEU B 165 -10.67 -5.78 -5.25
C LEU B 165 -10.77 -5.14 -6.62
N PRO B 166 -11.98 -5.11 -7.16
CA PRO B 166 -12.19 -4.46 -8.46
C PRO B 166 -12.30 -2.95 -8.37
N ILE B 167 -11.68 -2.24 -9.32
CA ILE B 167 -11.81 -0.79 -9.36
C ILE B 167 -13.27 -0.44 -9.65
N VAL B 168 -13.76 0.64 -9.07
CA VAL B 168 -15.17 0.99 -9.28
C VAL B 168 -15.33 2.24 -10.13
N GLU B 169 -16.42 2.30 -10.91
CA GLU B 169 -16.65 3.44 -11.78
C GLU B 169 -16.78 4.72 -10.95
N ARG B 170 -16.21 5.81 -11.44
CA ARG B 170 -16.19 7.12 -10.81
C ARG B 170 -17.57 7.58 -10.35
N PRO B 171 -18.62 7.49 -11.14
CA PRO B 171 -19.94 7.94 -10.64
C PRO B 171 -20.41 7.15 -9.43
N VAL B 172 -20.11 5.85 -9.42
CA VAL B 172 -20.49 5.02 -8.30
C VAL B 172 -19.69 5.44 -7.05
N CYS B 173 -18.39 5.66 -7.19
CA CYS B 173 -17.54 6.17 -6.11
C CYS B 173 -18.16 7.45 -5.52
N LYS B 174 -18.46 8.42 -6.37
CA LYS B 174 -18.99 9.70 -5.93
C LYS B 174 -20.34 9.56 -5.24
N ASP B 175 -21.21 8.74 -5.83
CA ASP B 175 -22.55 8.56 -5.29
C ASP B 175 -22.57 7.76 -4.00
N SER B 176 -21.44 7.13 -3.64
CA SER B 176 -21.45 6.35 -2.41
C SER B 176 -21.13 7.20 -1.20
N THR B 177 -20.81 8.48 -1.45
CA THR B 177 -20.20 9.23 -0.34
C THR B 177 -20.60 10.71 -0.35
N ARG B 178 -20.48 11.30 0.82
CA ARG B 178 -20.62 12.75 0.97
C ARG B 178 -19.31 13.49 0.81
N ILE B 179 -18.16 12.82 0.86
CA ILE B 179 -16.87 13.42 0.68
C ILE B 179 -16.71 13.91 -0.75
N ARG B 180 -16.05 15.05 -0.92
CA ARG B 180 -15.74 15.54 -2.26
C ARG B 180 -14.56 14.78 -2.85
N ILE B 181 -14.85 13.98 -3.88
CA ILE B 181 -13.81 13.14 -4.49
C ILE B 181 -13.02 13.93 -5.52
N THR B 182 -11.76 13.64 -5.76
CA THR B 182 -10.95 14.30 -6.77
C THR B 182 -10.38 13.30 -7.77
N ASP B 183 -9.76 13.84 -8.81
CA ASP B 183 -9.08 13.03 -9.80
C ASP B 183 -7.81 12.41 -9.23
N ASN B 184 -7.39 12.80 -8.01
CA ASN B 184 -6.21 12.18 -7.44
C ASN B 184 -6.57 10.99 -6.57
N MET B 185 -7.78 10.47 -6.73
CA MET B 185 -8.23 9.31 -5.98
C MET B 185 -8.97 8.35 -6.92
N PHE B 186 -9.05 7.09 -6.55
CA PHE B 186 -9.94 6.13 -7.21
C PHE B 186 -10.54 5.26 -6.11
N CYS B 187 -11.71 4.64 -6.35
CA CYS B 187 -12.21 3.75 -5.28
C CYS B 187 -12.28 2.32 -5.84
N ALA B 188 -12.32 1.37 -4.92
CA ALA B 188 -12.31 -0.04 -5.22
C ALA B 188 -13.07 -0.84 -4.17
N GLY B 189 -13.61 -1.97 -4.62
CA GLY B 189 -14.31 -2.90 -3.77
C GLY B 189 -15.53 -3.44 -4.52
N TYR B 190 -16.15 -4.43 -3.91
CA TYR B 190 -17.36 -5.01 -4.50
C TYR B 190 -18.64 -4.23 -4.16
N LYS B 191 -19.56 -4.22 -5.10
CA LYS B 191 -20.90 -3.69 -4.85
C LYS B 191 -21.71 -4.68 -4.03
N PRO B 192 -22.75 -4.20 -3.35
CA PRO B 192 -23.51 -5.09 -2.46
C PRO B 192 -24.13 -6.26 -3.23
N ASP B 193 -24.43 -6.04 -4.50
CA ASP B 193 -25.04 -7.07 -5.34
C ASP B 193 -24.02 -8.08 -5.84
N GLU B 194 -22.73 -7.77 -5.71
CA GLU B 194 -21.72 -8.57 -6.39
C GLU B 194 -21.36 -9.78 -5.55
N GLY B 195 -21.93 -9.79 -4.34
CA GLY B 195 -21.73 -10.87 -3.41
C GLY B 195 -20.45 -10.68 -2.58
N LYS B 196 -19.35 -11.14 -3.13
CA LYS B 196 -18.01 -11.05 -2.56
C LYS B 196 -17.80 -9.70 -1.88
N ARG B 197 -16.83 -9.65 -0.97
CA ARG B 197 -16.56 -8.39 -0.29
C ARG B 197 -15.08 -8.31 0.05
N GLY B 198 -14.76 -7.38 0.93
CA GLY B 198 -13.41 -7.13 1.38
C GLY B 198 -13.08 -5.65 1.32
N ASP B 199 -12.09 -5.24 2.10
CA ASP B 199 -11.77 -3.81 2.12
C ASP B 199 -10.48 -3.66 2.93
N ALA B 200 -9.88 -2.49 2.83
CA ALA B 200 -8.84 -2.07 3.75
C ALA B 200 -9.52 -1.59 5.03
N CYS B 201 -8.72 -1.33 6.05
CA CYS B 201 -9.24 -0.86 7.34
C CYS B 201 -8.10 -0.21 8.11
N GLU B 202 -8.47 0.26 9.30
CA GLU B 202 -7.58 0.86 10.27
C GLU B 202 -6.21 0.18 10.30
N GLY B 203 -5.14 0.90 10.02
CA GLY B 203 -3.80 0.34 10.08
C GLY B 203 -3.28 -0.13 8.72
N ASP B 204 -4.15 -0.22 7.72
CA ASP B 204 -3.76 -0.59 6.35
C ASP B 204 -3.28 0.65 5.62
N SER B 205 -3.69 1.81 6.16
CA SER B 205 -3.28 3.13 5.68
C SER B 205 -1.87 3.14 5.12
N GLY B 206 -1.62 3.72 3.96
CA GLY B 206 -0.28 3.87 3.42
C GLY B 206 0.22 2.67 2.63
N GLY B 207 -0.43 1.52 2.77
CA GLY B 207 -0.04 0.32 2.04
C GLY B 207 -0.46 0.43 0.58
N PRO B 208 0.03 -0.51 -0.25
CA PRO B 208 -0.10 -0.42 -1.69
C PRO B 208 -1.29 -1.16 -2.27
N PHE B 209 -1.88 -0.58 -3.31
CA PHE B 209 -2.86 -1.22 -4.18
C PHE B 209 -2.07 -1.56 -5.45
N VAL B 210 -1.84 -2.86 -5.70
CA VAL B 210 -1.01 -3.20 -6.87
C VAL B 210 -1.78 -3.95 -7.92
N MET B 211 -1.27 -3.90 -9.17
CA MET B 211 -1.92 -4.63 -10.26
C MET B 211 -0.83 -5.35 -11.03
N LYS B 212 -1.07 -6.54 -11.56
CA LYS B 212 -0.01 -7.21 -12.33
C LYS B 212 -0.23 -6.99 -13.83
N SER B 213 0.69 -6.26 -14.45
CA SER B 213 0.58 -5.89 -15.84
C SER B 213 0.53 -7.16 -16.70
N PRO B 214 -0.47 -7.31 -17.56
CA PRO B 214 -0.47 -8.49 -18.45
C PRO B 214 0.42 -8.26 -19.67
N PHE B 215 0.99 -7.08 -19.80
CA PHE B 215 1.89 -6.75 -20.91
C PHE B 215 3.31 -7.19 -20.64
N ASN B 216 3.80 -6.99 -19.41
CA ASN B 216 5.19 -7.33 -19.11
C ASN B 216 5.33 -8.19 -17.85
N ASN B 217 4.20 -8.58 -17.30
CA ASN B 217 4.08 -9.49 -16.16
C ASN B 217 4.79 -8.97 -14.92
N ARG B 218 4.81 -7.64 -14.78
CA ARG B 218 5.39 -7.03 -13.61
C ARG B 218 4.32 -6.36 -12.73
N TRP B 219 4.58 -6.33 -11.44
CA TRP B 219 3.66 -5.68 -10.50
C TRP B 219 3.89 -4.17 -10.44
N TYR B 220 2.82 -3.40 -10.56
CA TYR B 220 2.84 -1.96 -10.45
C TYR B 220 1.96 -1.46 -9.30
N GLN B 221 2.47 -0.44 -8.58
CA GLN B 221 1.63 0.13 -7.54
C GLN B 221 0.82 1.29 -8.10
N MET B 222 -0.48 1.02 -8.26
CA MET B 222 -1.38 2.03 -8.80
C MET B 222 -2.02 2.87 -7.69
N GLY B 223 -2.11 2.39 -6.45
CA GLY B 223 -2.82 3.20 -5.46
C GLY B 223 -2.12 3.13 -4.11
N ILE B 224 -2.53 4.04 -3.22
CA ILE B 224 -2.11 3.97 -1.83
C ILE B 224 -3.33 3.95 -0.93
N VAL B 225 -3.41 3.03 0.03
CA VAL B 225 -4.58 2.94 0.90
C VAL B 225 -4.83 4.29 1.54
N SER B 226 -5.98 4.91 1.29
CA SER B 226 -6.13 6.27 1.79
C SER B 226 -7.31 6.44 2.73
N TRP B 227 -8.55 6.22 2.29
CA TRP B 227 -9.62 6.45 3.26
C TRP B 227 -10.86 5.63 2.92
N GLY B 228 -11.70 5.47 3.94
CA GLY B 228 -12.97 4.79 3.72
C GLY B 228 -13.89 5.14 4.89
N GLU B 229 -15.17 4.92 4.71
CA GLU B 229 -16.14 5.20 5.77
C GLU B 229 -16.45 3.90 6.49
N GLY B 230 -15.88 3.72 7.68
CA GLY B 230 -15.99 2.39 8.27
C GLY B 230 -15.15 1.44 7.42
N CYS B 231 -15.42 0.13 7.50
CA CYS B 231 -14.64 -0.83 6.72
C CYS B 231 -15.56 -1.93 6.19
N ASP B 232 -15.49 -2.16 4.88
CA ASP B 232 -16.24 -3.28 4.30
C ASP B 232 -17.72 -3.05 4.57
N ARG B 233 -18.15 -1.79 4.57
CA ARG B 233 -19.58 -1.51 4.64
C ARG B 233 -20.25 -1.77 3.31
N ASP B 234 -21.42 -2.42 3.29
CA ASP B 234 -22.14 -2.50 2.02
C ASP B 234 -22.37 -1.12 1.43
N GLY B 235 -22.19 -0.95 0.12
CA GLY B 235 -22.55 0.30 -0.50
C GLY B 235 -21.48 1.39 -0.37
N LYS B 236 -20.40 1.10 0.34
CA LYS B 236 -19.25 1.97 0.51
CA LYS B 236 -19.25 1.97 0.51
C LYS B 236 -18.01 1.29 -0.07
N TYR B 237 -17.00 2.08 -0.41
CA TYR B 237 -15.78 1.65 -1.07
C TYR B 237 -14.53 2.21 -0.42
N GLY B 238 -13.40 1.54 -0.65
CA GLY B 238 -12.12 2.05 -0.19
C GLY B 238 -11.63 3.06 -1.22
N PHE B 239 -10.95 4.08 -0.75
CA PHE B 239 -10.43 5.15 -1.61
C PHE B 239 -8.91 5.11 -1.52
N TYR B 240 -8.30 5.19 -2.71
CA TYR B 240 -6.87 5.04 -2.91
C TYR B 240 -6.27 6.27 -3.59
N THR B 241 -5.12 6.72 -3.10
CA THR B 241 -4.35 7.75 -3.79
C THR B 241 -3.94 7.27 -5.17
N HIS B 242 -4.16 8.10 -6.19
CA HIS B 242 -3.86 7.76 -7.58
C HIS B 242 -2.40 8.00 -7.87
N VAL B 243 -1.56 6.96 -7.77
CA VAL B 243 -0.12 7.15 -7.79
C VAL B 243 0.33 7.81 -9.08
N PHE B 244 -0.19 7.38 -10.23
CA PHE B 244 0.24 7.95 -11.50
C PHE B 244 -0.02 9.46 -11.56
N ARG B 245 -1.15 9.89 -11.02
CA ARG B 245 -1.46 11.33 -11.16
C ARG B 245 -0.48 12.18 -10.36
N LEU B 246 0.25 11.59 -9.40
CA LEU B 246 1.14 12.37 -8.56
C LEU B 246 2.59 11.98 -8.78
N LYS B 247 2.82 11.27 -9.89
CA LYS B 247 4.16 10.79 -10.20
C LYS B 247 5.17 11.89 -10.48
N LYS B 248 4.71 12.99 -11.06
CA LYS B 248 5.68 14.06 -11.32
C LYS B 248 6.26 14.56 -10.00
N TRP B 249 5.40 14.61 -8.97
CA TRP B 249 5.91 15.10 -7.68
C TRP B 249 6.87 14.05 -7.14
N ILE B 250 6.56 12.77 -7.38
CA ILE B 250 7.41 11.70 -6.88
C ILE B 250 8.79 11.76 -7.53
N GLN B 251 8.81 11.92 -8.84
CA GLN B 251 10.04 12.00 -9.63
C GLN B 251 10.88 13.20 -9.22
N LYS B 252 10.12 14.31 -9.09
CA LYS B 252 10.71 15.57 -8.67
C LYS B 252 11.43 15.39 -7.35
N VAL B 253 10.74 14.88 -6.33
CA VAL B 253 11.40 14.65 -5.06
C VAL B 253 12.62 13.76 -5.20
N ILE B 254 12.42 12.65 -5.94
CA ILE B 254 13.55 11.71 -5.95
C ILE B 254 14.70 12.28 -6.76
N ASP B 255 14.38 12.91 -7.89
CA ASP B 255 15.41 13.53 -8.72
C ASP B 255 16.25 14.55 -7.98
N GLN B 256 15.58 15.39 -7.20
CA GLN B 256 16.20 16.46 -6.44
C GLN B 256 16.93 15.99 -5.19
N PHE B 257 16.41 15.02 -4.45
CA PHE B 257 17.04 14.70 -3.16
C PHE B 257 17.59 13.29 -3.09
N GLY B 258 17.51 12.53 -4.17
CA GLY B 258 17.84 11.11 -4.12
C GLY B 258 19.32 10.81 -4.19
N ASP C 2 1.69 -6.79 22.45
CA ASP C 2 1.53 -7.58 21.24
C ASP C 2 2.85 -7.71 20.50
N PHE C 3 3.58 -6.60 20.41
CA PHE C 3 4.81 -6.66 19.62
C PHE C 3 5.96 -7.25 20.42
N GLU C 4 6.72 -8.08 19.73
CA GLU C 4 8.01 -8.56 20.21
C GLU C 4 9.01 -7.42 20.10
N GLU C 5 9.90 -7.28 21.09
CA GLU C 5 10.84 -6.17 21.07
C GLU C 5 11.90 -6.36 19.98
N ILE C 6 12.44 -5.23 19.53
CA ILE C 6 13.40 -5.29 18.44
C ILE C 6 14.79 -5.08 18.99
N PRO C 7 15.80 -5.59 18.30
CA PRO C 7 17.18 -5.40 18.72
C PRO C 7 17.49 -3.94 19.03
N GLU C 8 18.28 -3.77 20.09
CA GLU C 8 18.61 -2.50 20.72
C GLU C 8 19.22 -1.57 19.68
N GLU C 9 19.98 -2.15 18.75
CA GLU C 9 20.65 -1.35 17.73
C GLU C 9 19.68 -0.40 17.06
#